data_4EXJ
#
_entry.id   4EXJ
#
_cell.length_a   54.675
_cell.length_b   87.185
_cell.length_c   55.346
_cell.angle_alpha   90.00
_cell.angle_beta   115.17
_cell.angle_gamma   90.00
#
_symmetry.space_group_name_H-M   'P 1 21 1'
#
loop_
_entity.id
_entity.type
_entity.pdbx_description
1 polymer 'uncharacterized protein'
2 non-polymer 'CHLORIDE ION'
3 non-polymer 'SULFATE ION'
4 water water
#
_entity_poly.entity_id   1
_entity_poly.type   'polypeptide(L)'
_entity_poly.pdbx_seq_one_letter_code
;MVMAILYTGPTGNGRKPLVLGKLLNAPIKVHMFHWPTKDIQEDWYLKLNPAGIVPTLVDDKGTPITESNNILLYIADTYD
KEHKFFYSLKQDPKLYWEQNELLFYQATQFQSQTLTIANANYQNGHIDENIAQYVLSSFEKVFAFMETKLSGRDWFVGDK
FTIVDIAFLVGEHRRRERLHNSPIWIDLKENFPNVEKWFQRAIAFENVEEILKEHAAENLYFQSHHHHHHWSHPQFEK
;
_entity_poly.pdbx_strand_id   A,B
#
# COMPACT_ATOMS: atom_id res chain seq x y z
N VAL A 2 -28.71 3.32 5.50
CA VAL A 2 -29.47 2.74 4.36
C VAL A 2 -28.51 2.36 3.23
N MET A 3 -28.50 3.15 2.16
CA MET A 3 -27.58 2.89 1.06
C MET A 3 -26.15 3.28 1.42
N ALA A 4 -25.21 2.43 1.04
CA ALA A 4 -23.81 2.79 1.15
C ALA A 4 -23.53 4.04 0.33
N ILE A 5 -22.57 4.84 0.79
CA ILE A 5 -22.19 6.08 0.10
C ILE A 5 -20.70 6.09 -0.13
N LEU A 6 -20.29 6.37 -1.36
CA LEU A 6 -18.88 6.53 -1.67
C LEU A 6 -18.59 8.02 -1.80
N TYR A 7 -17.71 8.54 -0.94
CA TYR A 7 -17.23 9.91 -1.07
C TYR A 7 -15.90 9.90 -1.82
N THR A 8 -15.81 10.69 -2.88
CA THR A 8 -14.58 10.72 -3.66
CA THR A 8 -14.65 10.71 -3.77
C THR A 8 -14.31 12.10 -4.26
N GLY A 9 -13.25 12.18 -5.07
CA GLY A 9 -12.95 13.36 -5.88
C GLY A 9 -12.91 12.82 -7.31
N PRO A 10 -12.03 13.36 -8.17
CA PRO A 10 -11.65 12.70 -9.42
C PRO A 10 -10.15 12.36 -9.48
N THR A 11 -9.71 11.35 -8.71
CA THR A 11 -8.28 11.07 -8.56
C THR A 11 -7.85 9.61 -8.81
N GLY A 12 -6.53 9.39 -8.79
CA GLY A 12 -5.93 8.07 -8.97
C GLY A 12 -6.41 7.02 -7.99
N ASN A 13 -6.64 7.42 -6.74
CA ASN A 13 -7.26 6.51 -5.78
C ASN A 13 -8.79 6.49 -5.95
N GLY A 14 -9.41 7.68 -6.02
CA GLY A 14 -10.89 7.83 -6.01
C GLY A 14 -11.75 7.09 -7.03
N ARG A 15 -11.27 6.99 -8.26
CA ARG A 15 -12.01 6.36 -9.35
C ARG A 15 -12.03 4.84 -9.27
N LYS A 16 -11.16 4.26 -8.45
CA LYS A 16 -11.08 2.81 -8.37
C LYS A 16 -12.39 2.20 -7.87
N PRO A 17 -12.83 2.57 -6.66
CA PRO A 17 -14.08 1.99 -6.19
C PRO A 17 -15.28 2.48 -7.03
N LEU A 18 -15.16 3.68 -7.60
CA LEU A 18 -16.21 4.18 -8.48
C LEU A 18 -16.41 3.23 -9.65
N VAL A 19 -15.30 2.88 -10.31
CA VAL A 19 -15.36 1.99 -11.46
C VAL A 19 -15.97 0.63 -11.10
N LEU A 20 -15.48 0.01 -10.02
CA LEU A 20 -16.01 -1.29 -9.63
C LEU A 20 -17.49 -1.22 -9.28
N GLY A 21 -17.87 -0.23 -8.49
CA GLY A 21 -19.26 -0.07 -8.09
C GLY A 21 -20.17 0.08 -9.29
N LYS A 22 -19.74 0.88 -10.26
CA LYS A 22 -20.58 1.14 -11.44
C LYS A 22 -20.63 -0.12 -12.31
N LEU A 23 -19.50 -0.81 -12.43
CA LEU A 23 -19.48 -2.06 -13.20
C LEU A 23 -20.43 -3.09 -12.61
N LEU A 24 -20.51 -3.13 -11.28
CA LEU A 24 -21.41 -4.07 -10.59
C LEU A 24 -22.86 -3.59 -10.51
N ASN A 25 -23.11 -2.36 -10.93
CA ASN A 25 -24.41 -1.74 -10.68
C ASN A 25 -24.76 -1.89 -9.20
N ALA A 26 -23.78 -1.69 -8.33
CA ALA A 26 -23.96 -1.84 -6.89
C ALA A 26 -24.79 -0.73 -6.28
N PRO A 27 -25.52 -1.03 -5.20
CA PRO A 27 -26.34 -0.01 -4.54
C PRO A 27 -25.50 0.92 -3.68
N ILE A 28 -24.70 1.73 -4.36
CA ILE A 28 -23.79 2.69 -3.73
C ILE A 28 -24.02 4.06 -4.35
N LYS A 29 -24.40 5.03 -3.52
CA LYS A 29 -24.57 6.39 -3.95
C LYS A 29 -23.19 7.03 -3.93
N VAL A 30 -22.93 7.87 -4.91
CA VAL A 30 -21.61 8.50 -5.02
C VAL A 30 -21.72 10.00 -4.83
N HIS A 31 -20.95 10.54 -3.89
CA HIS A 31 -20.83 11.97 -3.81
C HIS A 31 -19.41 12.38 -4.15
N MET A 32 -19.30 13.18 -5.21
CA MET A 32 -18.01 13.80 -5.54
C MET A 32 -17.88 15.21 -4.99
N PHE A 33 -16.88 15.43 -4.14
CA PHE A 33 -16.63 16.78 -3.62
C PHE A 33 -16.20 17.72 -4.75
N HIS A 34 -16.53 19.00 -4.62
CA HIS A 34 -16.12 20.00 -5.62
C HIS A 34 -14.71 20.53 -5.37
N PRO A 36 -9.69 19.96 -6.47
CA PRO A 36 -9.11 20.91 -5.53
C PRO A 36 -10.18 21.32 -4.55
N THR A 37 -10.21 20.67 -3.40
CA THR A 37 -11.22 20.94 -2.37
C THR A 37 -10.64 20.80 -0.98
N LYS A 38 -11.17 21.60 -0.05
CA LYS A 38 -10.84 21.59 1.35
C LYS A 38 -11.99 21.00 2.13
N ASP A 39 -12.94 20.42 1.42
CA ASP A 39 -14.10 19.79 1.99
C ASP A 39 -13.69 18.65 2.91
N ILE A 40 -12.63 17.96 2.53
CA ILE A 40 -12.11 16.81 3.24
C ILE A 40 -11.40 17.13 4.55
N GLN A 41 -11.29 18.39 4.88
CA GLN A 41 -10.83 18.80 6.18
C GLN A 41 -11.94 19.17 7.18
N GLU A 42 -13.19 19.09 6.76
CA GLU A 42 -14.34 19.31 7.63
C GLU A 42 -14.49 18.22 8.69
N ASP A 43 -14.97 18.61 9.86
CA ASP A 43 -15.06 17.69 11.00
C ASP A 43 -15.86 16.41 10.73
N TRP A 44 -17.03 16.53 10.09
CA TRP A 44 -17.83 15.34 9.82
C TRP A 44 -17.10 14.37 8.93
N TYR A 45 -16.31 14.91 8.01
CA TYR A 45 -15.59 14.04 7.10
C TYR A 45 -14.41 13.39 7.82
N LEU A 46 -13.71 14.15 8.66
CA LEU A 46 -12.59 13.59 9.44
C LEU A 46 -13.02 12.47 10.39
N LYS A 47 -14.28 12.48 10.82
CA LYS A 47 -14.82 11.43 11.62
C LYS A 47 -14.92 10.15 10.81
N LEU A 48 -15.20 10.28 9.52
CA LEU A 48 -15.25 9.10 8.66
C LEU A 48 -13.85 8.64 8.24
N ASN A 49 -12.98 9.61 8.00
CA ASN A 49 -11.63 9.31 7.56
C ASN A 49 -10.65 10.29 8.21
N PRO A 50 -10.05 9.86 9.33
CA PRO A 50 -9.18 10.78 10.09
C PRO A 50 -7.97 11.20 9.27
N ALA A 51 -7.63 10.47 8.21
CA ALA A 51 -6.52 10.87 7.38
C ALA A 51 -6.85 12.12 6.58
N GLY A 52 -8.14 12.39 6.41
CA GLY A 52 -8.59 13.56 5.63
C GLY A 52 -8.29 13.41 4.15
N ILE A 53 -8.50 12.22 3.63
CA ILE A 53 -8.37 12.03 2.21
C ILE A 53 -9.57 11.28 1.62
N VAL A 54 -9.67 11.29 0.31
CA VAL A 54 -10.69 10.56 -0.38
C VAL A 54 -9.94 9.44 -1.05
N PRO A 55 -10.56 8.31 -1.27
CA PRO A 55 -11.98 8.11 -1.00
C PRO A 55 -12.31 7.45 0.32
N THR A 56 -13.58 7.48 0.66
CA THR A 56 -14.06 6.72 1.80
C THR A 56 -15.39 6.12 1.37
N LEU A 57 -15.58 4.83 1.62
CA LEU A 57 -16.89 4.21 1.47
C LEU A 57 -17.51 4.05 2.84
N VAL A 58 -18.72 4.56 3.02
CA VAL A 58 -19.43 4.30 4.25
C VAL A 58 -20.44 3.21 3.96
N ASP A 59 -20.37 2.11 4.69
CA ASP A 59 -21.20 0.96 4.35
C ASP A 59 -22.64 1.14 4.77
N ASP A 60 -23.45 0.12 4.46
CA ASP A 60 -24.88 0.20 4.72
C ASP A 60 -25.24 0.17 6.21
N LYS A 61 -24.21 0.18 7.06
CA LYS A 61 -24.41 0.23 8.50
C LYS A 61 -23.72 1.42 9.15
N GLY A 62 -23.22 2.34 8.33
CA GLY A 62 -22.56 3.55 8.85
C GLY A 62 -21.08 3.42 9.14
N THR A 63 -20.48 2.29 8.79
CA THR A 63 -19.04 2.08 9.05
C THR A 63 -18.17 2.54 7.88
N PRO A 64 -17.16 3.39 8.17
CA PRO A 64 -16.29 3.81 7.05
C PRO A 64 -15.24 2.76 6.67
N ILE A 65 -15.07 2.54 5.37
CA ILE A 65 -14.02 1.69 4.81
C ILE A 65 -13.06 2.59 3.98
N THR A 66 -11.78 2.57 4.30
CA THR A 66 -10.81 3.44 3.64
C THR A 66 -9.68 2.70 2.92
N GLU A 67 -8.94 3.43 2.11
CA GLU A 67 -7.82 2.99 1.28
C GLU A 67 -8.34 2.33 0.01
N SER A 68 -8.13 3.02 -1.08
CA SER A 68 -8.70 2.68 -2.31
CA SER A 68 -8.84 2.62 -2.27
C SER A 68 -8.66 1.20 -2.63
N ASN A 69 -7.49 0.60 -2.56
CA ASN A 69 -7.39 -0.81 -2.98
C ASN A 69 -8.10 -1.75 -2.01
N ASN A 70 -8.18 -1.35 -0.75
CA ASN A 70 -8.95 -2.07 0.24
C ASN A 70 -10.44 -1.94 -0.04
N ILE A 71 -10.87 -0.73 -0.39
CA ILE A 71 -12.27 -0.51 -0.78
C ILE A 71 -12.64 -1.41 -1.95
N LEU A 72 -11.72 -1.57 -2.90
CA LEU A 72 -11.94 -2.54 -3.99
C LEU A 72 -12.25 -3.93 -3.44
N LEU A 73 -11.42 -4.43 -2.54
CA LEU A 73 -11.66 -5.73 -1.93
C LEU A 73 -13.00 -5.78 -1.19
N TYR A 74 -13.34 -4.72 -0.48
CA TYR A 74 -14.55 -4.72 0.32
C TYR A 74 -15.78 -4.73 -0.60
N ILE A 75 -15.73 -3.94 -1.66
CA ILE A 75 -16.90 -3.83 -2.55
C ILE A 75 -17.03 -5.18 -3.23
N ALA A 76 -15.92 -5.76 -3.60
CA ALA A 76 -15.95 -7.08 -4.27
C ALA A 76 -16.56 -8.15 -3.37
N ASP A 77 -16.05 -8.30 -2.15
CA ASP A 77 -16.61 -9.24 -1.21
C ASP A 77 -18.11 -8.99 -0.98
N THR A 78 -18.50 -7.71 -0.90
CA THR A 78 -19.84 -7.38 -0.46
C THR A 78 -20.87 -7.43 -1.57
N TYR A 79 -20.46 -7.03 -2.77
CA TYR A 79 -21.41 -6.75 -3.85
C TYR A 79 -21.20 -7.61 -5.11
N ASP A 80 -20.07 -8.31 -5.15
CA ASP A 80 -19.75 -9.12 -6.33
C ASP A 80 -20.08 -10.58 -6.02
N LYS A 81 -21.37 -10.89 -6.04
CA LYS A 81 -21.86 -12.18 -5.58
C LYS A 81 -21.35 -13.32 -6.45
N GLU A 82 -21.22 -13.06 -7.74
CA GLU A 82 -20.81 -14.10 -8.68
C GLU A 82 -19.31 -14.16 -8.88
N HIS A 83 -18.55 -13.38 -8.09
CA HIS A 83 -17.10 -13.30 -8.26
C HIS A 83 -16.67 -13.00 -9.70
N LYS A 84 -17.39 -12.08 -10.33
CA LYS A 84 -17.05 -11.67 -11.69
C LYS A 84 -15.71 -10.94 -11.77
N PHE A 85 -15.39 -10.16 -10.74
CA PHE A 85 -14.25 -9.25 -10.83
C PHE A 85 -13.14 -9.58 -9.84
N PHE A 86 -13.25 -10.70 -9.17
CA PHE A 86 -12.19 -11.09 -8.23
C PHE A 86 -12.18 -12.58 -7.91
N TYR A 87 -11.11 -13.00 -7.26
CA TYR A 87 -10.92 -14.39 -6.87
C TYR A 87 -10.97 -14.45 -5.35
N SER A 88 -11.80 -15.33 -4.81
CA SER A 88 -11.91 -15.47 -3.36
C SER A 88 -10.82 -16.41 -2.81
N LEU A 89 -10.46 -16.19 -1.54
CA LEU A 89 -9.52 -17.05 -0.83
C LEU A 89 -10.02 -18.50 -0.74
N LYS A 90 -11.31 -18.65 -0.46
CA LYS A 90 -11.90 -19.98 -0.34
C LYS A 90 -11.89 -20.74 -1.66
N GLN A 91 -12.37 -20.09 -2.72
CA GLN A 91 -12.40 -20.69 -4.04
C GLN A 91 -11.13 -20.88 -4.83
N ASP A 92 -10.27 -19.88 -4.82
N ASP A 92 -10.28 -19.87 -4.90
CA ASP A 92 -9.05 -19.87 -5.60
CA ASP A 92 -9.00 -19.99 -5.61
C ASP A 92 -7.91 -19.24 -4.81
C ASP A 92 -7.91 -19.29 -4.84
N PRO A 93 -7.43 -19.93 -3.76
CA PRO A 93 -6.40 -19.30 -2.90
C PRO A 93 -5.18 -18.84 -3.68
N LYS A 94 -4.72 -19.63 -4.65
CA LYS A 94 -3.52 -19.23 -5.40
C LYS A 94 -3.71 -17.87 -6.09
N LEU A 95 -4.80 -17.71 -6.82
CA LEU A 95 -5.10 -16.44 -7.48
C LEU A 95 -5.47 -15.34 -6.46
N TYR A 96 -6.05 -15.73 -5.33
CA TYR A 96 -6.40 -14.75 -4.30
C TYR A 96 -5.14 -14.08 -3.80
N TRP A 97 -4.10 -14.87 -3.54
CA TRP A 97 -2.85 -14.26 -3.05
C TRP A 97 -2.12 -13.45 -4.12
N GLU A 98 -2.17 -13.89 -5.39
CA GLU A 98 -1.58 -13.09 -6.46
C GLU A 98 -2.31 -11.76 -6.59
N GLN A 99 -3.64 -11.82 -6.47
CA GLN A 99 -4.51 -10.65 -6.49
C GLN A 99 -4.11 -9.70 -5.37
N ASN A 100 -3.98 -10.25 -4.17
CA ASN A 100 -3.69 -9.42 -2.98
C ASN A 100 -2.32 -8.77 -3.11
N GLU A 101 -1.34 -9.54 -3.55
CA GLU A 101 0.01 -8.97 -3.66
C GLU A 101 0.07 -7.90 -4.74
N LEU A 102 -0.68 -8.05 -5.83
CA LEU A 102 -0.65 -7.02 -6.85
C LEU A 102 -1.38 -5.75 -6.44
N LEU A 103 -2.38 -5.88 -5.58
CA LEU A 103 -3.07 -4.70 -5.06
C LEU A 103 -2.14 -3.95 -4.12
N PHE A 104 -1.37 -4.69 -3.31
CA PHE A 104 -0.30 -4.03 -2.52
C PHE A 104 0.75 -3.39 -3.43
N TYR A 105 1.19 -4.09 -4.48
CA TYR A 105 2.17 -3.51 -5.39
C TYR A 105 1.68 -2.21 -6.04
N GLN A 106 0.45 -2.24 -6.56
CA GLN A 106 -0.07 -1.09 -7.25
C GLN A 106 -0.11 0.11 -6.28
N ALA A 107 -0.53 -0.14 -5.02
CA ALA A 107 -0.70 0.97 -4.06
C ALA A 107 0.62 1.56 -3.60
N THR A 108 1.62 0.70 -3.45
CA THR A 108 2.91 1.10 -2.90
C THR A 108 3.88 1.55 -3.98
N GLN A 109 4.10 0.70 -4.98
CA GLN A 109 5.15 0.97 -5.95
C GLN A 109 4.66 1.87 -7.07
N PHE A 110 3.44 1.65 -7.57
CA PHE A 110 2.96 2.52 -8.62
C PHE A 110 2.49 3.86 -8.04
N GLN A 111 1.59 3.83 -7.07
CA GLN A 111 0.98 5.07 -6.59
C GLN A 111 1.89 5.77 -5.58
N SER A 112 2.05 5.21 -4.40
CA SER A 112 2.71 5.95 -3.33
C SER A 112 4.16 6.37 -3.62
N GLN A 113 4.96 5.45 -4.15
CA GLN A 113 6.38 5.68 -4.35
C GLN A 113 6.70 6.42 -5.62
N THR A 114 5.70 6.55 -6.49
CA THR A 114 5.95 7.07 -7.85
C THR A 114 4.96 8.16 -8.28
N LEU A 115 3.72 7.77 -8.58
CA LEU A 115 2.74 8.74 -9.02
C LEU A 115 2.45 9.82 -7.98
N THR A 116 2.34 9.44 -6.71
CA THR A 116 1.99 10.41 -5.70
C THR A 116 3.09 11.45 -5.56
N ILE A 117 4.34 10.99 -5.57
CA ILE A 117 5.51 11.85 -5.46
C ILE A 117 5.57 12.78 -6.68
N ALA A 118 5.29 12.19 -7.85
CA ALA A 118 5.31 12.95 -9.09
C ALA A 118 4.25 14.05 -9.05
N ASN A 119 3.02 13.69 -8.71
CA ASN A 119 1.95 14.68 -8.68
C ASN A 119 2.17 15.80 -7.70
N ALA A 120 2.69 15.48 -6.51
CA ALA A 120 2.93 16.47 -5.46
C ALA A 120 4.01 17.49 -5.83
N ASN A 121 4.98 17.06 -6.63
CA ASN A 121 6.17 17.85 -6.88
C ASN A 121 6.22 18.41 -8.29
N TYR A 122 5.18 18.11 -9.06
CA TYR A 122 5.03 18.72 -10.38
C TYR A 122 3.91 19.73 -10.30
N GLN A 123 4.27 20.99 -10.08
CA GLN A 123 3.30 22.06 -9.96
C GLN A 123 3.63 23.20 -10.91
N ASN A 124 2.59 23.78 -11.50
CA ASN A 124 2.77 24.91 -12.40
C ASN A 124 3.82 24.63 -13.47
N GLY A 125 3.75 23.44 -14.06
CA GLY A 125 4.61 23.07 -15.18
C GLY A 125 6.08 22.85 -14.84
N HIS A 126 6.42 22.82 -13.56
CA HIS A 126 7.80 22.61 -13.13
C HIS A 126 7.96 21.47 -12.13
N ILE A 127 9.07 20.74 -12.24
CA ILE A 127 9.47 19.76 -11.23
C ILE A 127 10.99 19.75 -11.09
N ASP A 128 11.48 19.76 -9.85
CA ASP A 128 12.91 19.76 -9.59
C ASP A 128 13.60 18.58 -10.26
N GLU A 129 14.76 18.84 -10.84
CA GLU A 129 15.42 17.83 -11.64
C GLU A 129 15.70 16.53 -10.88
N ASN A 130 16.07 16.65 -9.60
CA ASN A 130 16.40 15.46 -8.84
C ASN A 130 15.17 14.59 -8.61
N ILE A 131 14.02 15.23 -8.34
CA ILE A 131 12.79 14.47 -8.16
C ILE A 131 12.31 13.88 -9.48
N ALA A 132 12.42 14.65 -10.56
CA ALA A 132 12.04 14.13 -11.88
C ALA A 132 12.83 12.88 -12.22
N GLN A 133 14.13 12.89 -11.93
CA GLN A 133 14.97 11.74 -12.19
C GLN A 133 14.54 10.56 -11.33
N TYR A 134 14.24 10.82 -10.06
CA TYR A 134 13.74 9.75 -9.20
C TYR A 134 12.45 9.17 -9.77
N VAL A 135 11.56 10.05 -10.19
CA VAL A 135 10.24 9.63 -10.66
C VAL A 135 10.36 8.83 -11.96
N LEU A 136 11.19 9.29 -12.88
CA LEU A 136 11.37 8.55 -14.15
C LEU A 136 11.97 7.16 -13.95
N SER A 137 13.02 7.05 -13.14
CA SER A 137 13.65 5.76 -12.87
CA SER A 137 13.62 5.75 -12.92
C SER A 137 12.66 4.81 -12.20
N SER A 138 11.82 5.36 -11.33
CA SER A 138 10.81 4.57 -10.65
CA SER A 138 10.84 4.55 -10.65
C SER A 138 9.76 4.04 -11.63
N PHE A 139 9.25 4.92 -12.49
CA PHE A 139 8.25 4.51 -13.49
C PHE A 139 8.87 3.46 -14.45
N GLU A 140 10.11 3.66 -14.85
CA GLU A 140 10.74 2.68 -15.75
C GLU A 140 10.77 1.30 -15.11
N LYS A 141 11.08 1.25 -13.83
CA LYS A 141 11.07 -0.02 -13.10
C LYS A 141 9.68 -0.65 -12.98
N VAL A 142 8.69 0.19 -12.65
CA VAL A 142 7.34 -0.28 -12.48
C VAL A 142 6.77 -0.78 -13.81
N PHE A 143 6.97 -0.02 -14.87
CA PHE A 143 6.49 -0.47 -16.17
C PHE A 143 7.15 -1.78 -16.60
N ALA A 144 8.43 -1.92 -16.31
CA ALA A 144 9.13 -3.17 -16.67
C ALA A 144 8.54 -4.35 -15.92
N PHE A 145 8.21 -4.12 -14.67
CA PHE A 145 7.54 -5.12 -13.85
C PHE A 145 6.18 -5.50 -14.47
N MET A 146 5.43 -4.50 -14.90
CA MET A 146 4.10 -4.73 -15.42
C MET A 146 4.26 -5.44 -16.75
N GLU A 147 5.27 -5.03 -17.51
CA GLU A 147 5.52 -5.66 -18.82
C GLU A 147 5.82 -7.15 -18.65
N THR A 148 6.62 -7.48 -17.64
CA THR A 148 6.88 -8.88 -17.29
C THR A 148 5.61 -9.62 -16.87
N LYS A 149 4.82 -9.00 -15.99
CA LYS A 149 3.63 -9.65 -15.48
C LYS A 149 2.62 -9.91 -16.58
N LEU A 150 2.64 -9.09 -17.62
CA LEU A 150 1.60 -9.15 -18.65
C LEU A 150 2.04 -9.94 -19.88
N SER A 151 3.28 -10.43 -19.86
CA SER A 151 3.81 -11.19 -21.00
C SER A 151 3.00 -12.46 -21.22
N GLY A 152 2.45 -12.61 -22.43
CA GLY A 152 1.66 -13.79 -22.78
C GLY A 152 0.32 -13.85 -22.06
N ARG A 153 -0.14 -12.71 -21.55
CA ARG A 153 -1.39 -12.63 -20.80
C ARG A 153 -2.23 -11.45 -21.27
N ASP A 154 -3.55 -11.56 -21.13
CA ASP A 154 -4.44 -10.44 -21.39
C ASP A 154 -4.62 -9.56 -20.13
N TRP A 155 -4.69 -10.22 -18.97
CA TRP A 155 -5.03 -9.53 -17.73
C TRP A 155 -4.00 -9.83 -16.65
N PHE A 156 -4.00 -9.05 -15.57
CA PHE A 156 -3.00 -9.25 -14.53
C PHE A 156 -3.13 -10.56 -13.76
N VAL A 157 -4.36 -10.97 -13.49
CA VAL A 157 -4.58 -12.18 -12.71
C VAL A 157 -5.63 -13.07 -13.36
N GLY A 158 -5.34 -14.36 -13.40
CA GLY A 158 -6.30 -15.31 -13.94
C GLY A 158 -6.48 -15.03 -15.42
N ASP A 159 -7.68 -15.24 -15.92
CA ASP A 159 -7.94 -15.04 -17.34
C ASP A 159 -9.05 -14.04 -17.60
N LYS A 160 -9.25 -13.11 -16.67
CA LYS A 160 -10.29 -12.13 -16.86
C LYS A 160 -9.94 -10.80 -16.20
N PHE A 161 -10.65 -9.77 -16.61
CA PHE A 161 -10.57 -8.43 -16.03
C PHE A 161 -11.00 -8.51 -14.57
N THR A 162 -10.17 -7.97 -13.67
CA THR A 162 -10.45 -8.05 -12.24
C THR A 162 -10.16 -6.70 -11.56
N ILE A 163 -10.35 -6.69 -10.25
CA ILE A 163 -10.02 -5.52 -9.46
C ILE A 163 -8.55 -5.11 -9.53
N VAL A 164 -7.66 -6.06 -9.85
CA VAL A 164 -6.26 -5.70 -10.08
C VAL A 164 -6.12 -4.87 -11.35
N ASP A 165 -6.83 -5.25 -12.40
CA ASP A 165 -6.81 -4.42 -13.58
C ASP A 165 -7.43 -3.06 -13.27
N ILE A 166 -8.46 -3.04 -12.44
CA ILE A 166 -9.08 -1.75 -12.13
C ILE A 166 -8.06 -0.86 -11.43
N ALA A 167 -7.36 -1.42 -10.43
CA ALA A 167 -6.39 -0.61 -9.66
C ALA A 167 -5.31 -0.07 -10.60
N PHE A 168 -4.74 -0.94 -11.43
CA PHE A 168 -3.71 -0.47 -12.33
C PHE A 168 -4.21 0.51 -13.39
N LEU A 169 -5.35 0.27 -13.97
CA LEU A 169 -5.85 1.17 -15.00
C LEU A 169 -6.15 2.57 -14.50
N VAL A 170 -6.67 2.66 -13.29
CA VAL A 170 -7.00 3.98 -12.80
C VAL A 170 -5.71 4.77 -12.54
N GLY A 171 -4.70 4.09 -12.02
CA GLY A 171 -3.43 4.73 -11.80
C GLY A 171 -2.83 5.20 -13.12
N GLU A 172 -2.93 4.35 -14.14
CA GLU A 172 -2.34 4.70 -15.43
C GLU A 172 -3.13 5.82 -16.13
N HIS A 173 -4.45 5.76 -16.02
CA HIS A 173 -5.31 6.84 -16.50
C HIS A 173 -4.92 8.18 -15.85
N ARG A 174 -4.72 8.18 -14.53
CA ARG A 174 -4.38 9.41 -13.84
C ARG A 174 -2.99 9.89 -14.24
N ARG A 175 -2.05 8.97 -14.41
CA ARG A 175 -0.73 9.34 -14.88
C ARG A 175 -0.82 10.13 -16.19
N ARG A 176 -1.60 9.60 -17.13
CA ARG A 176 -1.77 10.25 -18.43
C ARG A 176 -2.47 11.61 -18.33
N GLU A 177 -3.46 11.68 -17.46
CA GLU A 177 -4.27 12.88 -17.34
C GLU A 177 -3.45 14.04 -16.79
N ARG A 178 -2.49 13.74 -15.91
CA ARG A 178 -1.73 14.81 -15.28
C ARG A 178 -0.34 15.02 -15.87
N LEU A 179 0.30 13.96 -16.36
CA LEU A 179 1.71 14.08 -16.72
C LEU A 179 2.02 14.11 -18.22
N HIS A 180 0.99 14.13 -19.06
CA HIS A 180 1.18 14.02 -20.51
C HIS A 180 2.11 15.07 -21.12
N ASN A 181 1.98 16.33 -20.72
CA ASN A 181 2.81 17.37 -21.33
C ASN A 181 3.84 17.89 -20.34
N SER A 182 4.60 16.97 -19.76
CA SER A 182 5.52 17.30 -18.68
C SER A 182 6.87 16.64 -18.90
N PRO A 183 7.88 17.08 -18.11
CA PRO A 183 9.22 16.50 -18.11
C PRO A 183 9.29 15.07 -17.59
N ILE A 184 8.20 14.52 -17.07
CA ILE A 184 8.24 13.15 -16.54
C ILE A 184 7.26 12.24 -17.27
N TRP A 185 6.85 12.66 -18.46
CA TRP A 185 6.05 11.83 -19.33
C TRP A 185 6.87 10.64 -19.84
N ILE A 186 6.21 9.49 -19.91
CA ILE A 186 6.74 8.33 -20.60
C ILE A 186 5.64 7.76 -21.50
N ASP A 187 5.97 7.51 -22.77
CA ASP A 187 5.02 6.94 -23.72
C ASP A 187 5.22 5.43 -23.70
N LEU A 188 4.20 4.69 -23.29
CA LEU A 188 4.29 3.23 -23.21
C LEU A 188 4.46 2.56 -24.57
N LYS A 189 3.94 3.19 -25.62
CA LYS A 189 4.01 2.59 -26.96
C LYS A 189 5.45 2.26 -27.31
N GLU A 190 6.35 3.14 -26.92
CA GLU A 190 7.76 2.99 -27.24
C GLU A 190 8.35 1.71 -26.64
N ASN A 191 8.46 1.66 -25.32
CA ASN A 191 9.21 0.58 -24.69
C ASN A 191 8.41 -0.47 -23.95
N PHE A 192 7.12 -0.23 -23.76
CA PHE A 192 6.29 -1.17 -23.00
C PHE A 192 5.02 -1.60 -23.73
N PRO A 193 5.17 -2.33 -24.85
CA PRO A 193 4.01 -2.64 -25.68
C PRO A 193 2.99 -3.57 -25.05
N ASN A 194 3.44 -4.57 -24.29
CA ASN A 194 2.48 -5.34 -23.50
C ASN A 194 1.64 -4.43 -22.60
N VAL A 195 2.27 -3.53 -21.88
CA VAL A 195 1.47 -2.68 -21.00
C VAL A 195 0.50 -1.75 -21.72
N GLU A 196 0.95 -1.15 -22.83
CA GLU A 196 0.07 -0.32 -23.63
C GLU A 196 -1.12 -1.12 -24.11
N LYS A 197 -0.88 -2.33 -24.60
CA LYS A 197 -1.98 -3.12 -25.13
C LYS A 197 -2.97 -3.47 -24.02
N TRP A 198 -2.44 -3.77 -22.83
CA TRP A 198 -3.30 -4.13 -21.71
C TRP A 198 -4.15 -2.93 -21.29
N PHE A 199 -3.53 -1.75 -21.19
CA PHE A 199 -4.27 -0.52 -20.84
C PHE A 199 -5.40 -0.25 -21.81
N GLN A 200 -5.14 -0.38 -23.11
CA GLN A 200 -6.22 -0.18 -24.08
C GLN A 200 -7.34 -1.20 -23.90
N ARG A 201 -6.96 -2.45 -23.64
CA ARG A 201 -7.93 -3.51 -23.43
C ARG A 201 -8.73 -3.23 -22.17
N ALA A 202 -8.05 -2.72 -21.14
CA ALA A 202 -8.75 -2.45 -19.88
C ALA A 202 -9.75 -1.28 -19.95
N ILE A 203 -9.34 -0.18 -20.58
CA ILE A 203 -10.28 0.93 -20.69
C ILE A 203 -11.43 0.59 -21.65
N ALA A 204 -11.18 -0.31 -22.59
CA ALA A 204 -12.23 -0.70 -23.53
C ALA A 204 -13.23 -1.70 -22.90
N PHE A 205 -12.89 -2.22 -21.73
CA PHE A 205 -13.74 -3.21 -21.10
C PHE A 205 -15.09 -2.60 -20.72
N GLU A 206 -16.18 -3.26 -21.12
CA GLU A 206 -17.53 -2.75 -20.87
C GLU A 206 -17.61 -1.22 -21.00
N ASN A 207 -18.07 -0.51 -19.97
CA ASN A 207 -18.16 0.94 -20.06
C ASN A 207 -17.13 1.67 -19.18
N VAL A 208 -15.96 1.07 -18.99
CA VAL A 208 -14.93 1.68 -18.15
C VAL A 208 -14.60 3.10 -18.58
N GLU A 209 -14.42 3.30 -19.88
CA GLU A 209 -14.00 4.60 -20.38
C GLU A 209 -15.02 5.68 -20.04
N GLU A 210 -16.28 5.29 -20.08
CA GLU A 210 -17.39 6.19 -19.78
C GLU A 210 -17.34 6.60 -18.30
N ILE A 211 -17.24 5.60 -17.42
CA ILE A 211 -17.17 5.83 -15.99
C ILE A 211 -16.02 6.77 -15.62
N LEU A 212 -14.89 6.63 -16.32
CA LEU A 212 -13.73 7.47 -16.01
C LEU A 212 -13.94 8.95 -16.38
N LYS A 213 -14.91 9.20 -17.25
CA LYS A 213 -15.22 10.56 -17.71
C LYS A 213 -16.12 11.30 -16.72
N GLU A 214 -16.69 10.56 -15.77
CA GLU A 214 -17.61 11.15 -14.80
C GLU A 214 -16.93 12.20 -13.92
N HIS A 215 -17.59 13.35 -13.79
CA HIS A 215 -17.12 14.41 -12.91
C HIS A 215 -18.29 14.76 -11.99
N ALA A 216 -18.04 15.60 -11.00
CA ALA A 216 -19.09 15.99 -10.08
C ALA A 216 -20.30 16.52 -10.84
N ALA A 217 -21.49 16.08 -10.43
CA ALA A 217 -22.74 16.69 -10.89
C ALA A 217 -22.70 18.19 -10.59
N GLU A 218 -23.37 18.98 -11.42
CA GLU A 218 -23.38 20.44 -11.24
C GLU A 218 -24.11 20.87 -9.95
N ASN A 219 -25.27 20.27 -9.72
CA ASN A 219 -26.16 20.67 -8.62
C ASN A 219 -26.48 19.53 -7.66
N LEU A 220 -26.86 18.39 -8.21
CA LEU A 220 -27.25 17.22 -7.42
C LEU A 220 -26.11 16.70 -6.54
N TYR A 221 -26.46 16.28 -5.33
CA TYR A 221 -25.48 15.80 -4.38
C TYR A 221 -24.92 14.43 -4.76
N PHE A 222 -25.79 13.54 -5.19
CA PHE A 222 -25.38 12.18 -5.57
C PHE A 222 -25.43 11.91 -7.06
N GLN A 223 -24.57 11.00 -7.49
CA GLN A 223 -24.62 10.37 -8.80
C GLN A 223 -24.30 8.88 -8.62
N VAL B 2 9.58 -27.99 0.13
CA VAL B 2 8.63 -28.51 1.16
C VAL B 2 8.38 -27.48 2.26
N MET B 3 9.37 -27.26 3.11
CA MET B 3 9.21 -26.28 4.18
C MET B 3 9.25 -24.87 3.61
N ALA B 4 8.43 -23.99 4.15
CA ALA B 4 8.38 -22.61 3.68
C ALA B 4 9.69 -21.88 3.98
N ILE B 5 10.08 -21.00 3.06
CA ILE B 5 11.29 -20.19 3.20
C ILE B 5 10.98 -18.70 3.09
N LEU B 6 11.38 -17.94 4.11
CA LEU B 6 11.27 -16.49 4.06
C LEU B 6 12.62 -15.89 3.67
N TYR B 7 12.68 -15.34 2.47
CA TYR B 7 13.86 -14.60 2.03
C TYR B 7 13.64 -13.15 2.44
N THR B 8 14.53 -12.64 3.26
CA THR B 8 14.31 -11.28 3.76
C THR B 8 15.61 -10.58 4.13
N GLY B 9 15.49 -9.34 4.58
CA GLY B 9 16.64 -8.52 4.96
C GLY B 9 16.25 -7.77 6.21
N PRO B 10 17.24 -7.21 6.92
CA PRO B 10 16.96 -6.49 8.15
C PRO B 10 16.47 -5.06 7.89
N THR B 11 15.28 -4.94 7.32
CA THR B 11 14.77 -3.64 6.91
C THR B 11 13.34 -3.39 7.40
N GLY B 12 12.84 -2.19 7.12
CA GLY B 12 11.47 -1.85 7.53
C GLY B 12 10.45 -2.79 6.94
N ASN B 13 10.68 -3.24 5.70
CA ASN B 13 9.78 -4.27 5.15
C ASN B 13 10.17 -5.70 5.48
N GLY B 14 11.48 -5.97 5.53
CA GLY B 14 11.95 -7.33 5.74
C GLY B 14 11.58 -7.92 7.08
N ARG B 15 11.54 -7.08 8.11
CA ARG B 15 11.42 -7.58 9.48
C ARG B 15 9.99 -7.93 9.86
N LYS B 16 9.02 -7.44 9.10
CA LYS B 16 7.63 -7.65 9.50
C LYS B 16 7.22 -9.13 9.56
N PRO B 17 7.32 -9.85 8.44
CA PRO B 17 6.93 -11.26 8.48
C PRO B 17 7.89 -12.11 9.31
N LEU B 18 9.11 -11.64 9.47
CA LEU B 18 10.05 -12.29 10.32
CA LEU B 18 10.05 -12.29 10.31
C LEU B 18 9.61 -12.29 11.76
N VAL B 19 9.21 -11.13 12.25
CA VAL B 19 8.65 -11.06 13.59
C VAL B 19 7.42 -11.97 13.76
N LEU B 20 6.45 -11.87 12.84
CA LEU B 20 5.24 -12.69 12.97
C LEU B 20 5.56 -14.19 12.96
N GLY B 21 6.37 -14.63 12.01
CA GLY B 21 6.76 -16.05 11.94
C GLY B 21 7.36 -16.56 13.24
N LYS B 22 8.25 -15.76 13.82
CA LYS B 22 8.86 -16.14 15.10
C LYS B 22 7.89 -16.13 16.27
N LEU B 23 7.01 -15.14 16.33
CA LEU B 23 5.99 -15.11 17.41
C LEU B 23 5.10 -16.35 17.38
N LEU B 24 4.89 -16.88 16.19
CA LEU B 24 4.02 -18.05 16.00
C LEU B 24 4.78 -19.36 16.11
N ASN B 25 6.10 -19.28 16.20
CA ASN B 25 6.95 -20.45 15.99
C ASN B 25 6.52 -21.24 14.77
N ALA B 26 6.30 -20.53 13.67
CA ALA B 26 5.85 -21.14 12.43
C ALA B 26 6.97 -21.91 11.79
N PRO B 27 6.61 -22.98 11.07
CA PRO B 27 7.57 -23.82 10.38
C PRO B 27 8.07 -23.11 9.14
N ILE B 28 8.78 -22.00 9.35
CA ILE B 28 9.28 -21.18 8.25
C ILE B 28 10.78 -21.03 8.37
N LYS B 29 11.52 -21.45 7.35
CA LYS B 29 12.95 -21.27 7.38
C LYS B 29 13.29 -19.85 6.97
N VAL B 30 14.16 -19.21 7.72
CA VAL B 30 14.55 -17.82 7.41
C VAL B 30 15.89 -17.71 6.69
N HIS B 31 15.87 -17.13 5.50
CA HIS B 31 17.10 -16.85 4.77
C HIS B 31 17.36 -15.36 4.85
N MET B 32 18.15 -14.96 5.84
CA MET B 32 18.46 -13.54 6.05
C MET B 32 19.63 -13.06 5.17
N PHE B 33 19.35 -12.17 4.24
CA PHE B 33 20.39 -11.59 3.38
C PHE B 33 21.24 -10.63 4.19
N HIS B 34 22.51 -10.48 3.79
CA HIS B 34 23.31 -9.34 4.23
C HIS B 34 22.71 -8.07 3.63
N TRP B 35 22.97 -6.92 4.26
CA TRP B 35 22.37 -5.67 3.79
C TRP B 35 23.39 -4.54 3.70
N PRO B 36 23.54 -3.94 2.49
CA PRO B 36 22.84 -4.33 1.27
C PRO B 36 23.37 -5.64 0.69
N THR B 37 22.66 -6.18 -0.31
CA THR B 37 23.09 -7.41 -0.95
C THR B 37 22.83 -7.33 -2.43
N LYS B 38 23.73 -7.90 -3.22
CA LYS B 38 23.53 -8.04 -4.65
C LYS B 38 22.70 -9.31 -4.97
N ASP B 39 22.40 -10.11 -3.96
CA ASP B 39 21.66 -11.36 -4.17
C ASP B 39 20.25 -11.14 -4.73
N ILE B 40 19.62 -10.03 -4.36
CA ILE B 40 18.25 -9.76 -4.78
C ILE B 40 18.18 -9.24 -6.21
N GLN B 41 19.33 -9.11 -6.86
CA GLN B 41 19.36 -8.74 -8.28
C GLN B 41 19.72 -9.96 -9.14
N GLU B 42 19.95 -11.09 -8.49
CA GLU B 42 20.32 -12.33 -9.19
C GLU B 42 19.10 -12.96 -9.88
N ASP B 43 19.33 -13.76 -10.91
CA ASP B 43 18.20 -14.33 -11.64
C ASP B 43 17.28 -15.18 -10.75
N TRP B 44 17.85 -15.94 -9.83
CA TRP B 44 17.05 -16.87 -9.05
C TRP B 44 16.08 -16.10 -8.15
N TYR B 45 16.55 -14.97 -7.62
CA TYR B 45 15.67 -14.15 -6.77
C TYR B 45 14.59 -13.44 -7.58
N LEU B 46 14.96 -12.86 -8.73
CA LEU B 46 14.00 -12.10 -9.55
C LEU B 46 12.91 -13.02 -10.11
N LYS B 47 13.21 -14.30 -10.21
CA LYS B 47 12.21 -15.28 -10.59
C LYS B 47 11.16 -15.43 -9.47
N LEU B 48 11.61 -15.37 -8.22
CA LEU B 48 10.70 -15.46 -7.07
C LEU B 48 9.95 -14.15 -6.86
N ASN B 49 10.64 -13.04 -7.11
CA ASN B 49 10.12 -11.71 -6.82
C ASN B 49 10.63 -10.70 -7.84
N PRO B 50 9.91 -10.55 -8.96
CA PRO B 50 10.37 -9.64 -10.03
C PRO B 50 10.48 -8.18 -9.60
N ALA B 51 9.82 -7.81 -8.51
CA ALA B 51 9.91 -6.46 -7.98
C ALA B 51 11.31 -6.17 -7.44
N GLY B 52 12.08 -7.23 -7.17
CA GLY B 52 13.48 -7.10 -6.73
C GLY B 52 13.66 -6.53 -5.34
N ILE B 53 12.69 -6.74 -4.48
CA ILE B 53 12.71 -6.25 -3.13
C ILE B 53 12.48 -7.39 -2.17
N VAL B 54 12.83 -7.20 -0.92
CA VAL B 54 12.55 -8.15 0.13
C VAL B 54 11.30 -7.69 0.80
N PRO B 55 10.58 -8.57 1.46
CA PRO B 55 10.86 -9.98 1.53
C PRO B 55 10.04 -10.81 0.56
N THR B 56 10.38 -12.08 0.43
CA THR B 56 9.56 -13.03 -0.30
C THR B 56 9.40 -14.27 0.56
N LEU B 57 8.18 -14.74 0.72
CA LEU B 57 7.94 -16.04 1.32
C LEU B 57 7.66 -17.07 0.24
N VAL B 58 8.47 -18.12 0.16
CA VAL B 58 8.13 -19.22 -0.75
C VAL B 58 7.36 -20.24 0.10
N ASP B 59 6.13 -20.55 -0.29
CA ASP B 59 5.26 -21.33 0.59
C ASP B 59 5.60 -22.81 0.52
N ASP B 60 4.89 -23.62 1.31
CA ASP B 60 5.21 -25.04 1.42
C ASP B 60 4.85 -25.84 0.18
N LYS B 61 4.44 -25.16 -0.89
CA LYS B 61 4.19 -25.80 -2.18
C LYS B 61 5.09 -25.24 -3.26
N GLY B 62 5.94 -24.28 -2.88
CA GLY B 62 6.92 -23.70 -3.82
C GLY B 62 6.53 -22.41 -4.51
N THR B 63 5.41 -21.81 -4.13
CA THR B 63 4.89 -20.58 -4.73
C THR B 63 5.33 -19.33 -3.95
N PRO B 64 5.85 -18.32 -4.62
CA PRO B 64 6.26 -17.12 -3.90
C PRO B 64 5.06 -16.24 -3.54
N ILE B 65 5.09 -15.73 -2.31
CA ILE B 65 4.13 -14.74 -1.82
C ILE B 65 4.99 -13.47 -1.61
N THR B 66 4.56 -12.34 -2.15
CA THR B 66 5.37 -11.13 -2.03
C THR B 66 4.55 -10.00 -1.39
N GLU B 67 5.24 -8.88 -1.14
CA GLU B 67 4.70 -7.65 -0.48
C GLU B 67 4.57 -7.88 1.03
N SER B 68 5.40 -7.17 1.80
CA SER B 68 5.53 -7.45 3.21
C SER B 68 4.20 -7.55 3.96
N ASN B 69 3.31 -6.56 3.80
CA ASN B 69 2.08 -6.57 4.59
C ASN B 69 1.10 -7.64 4.11
N ASN B 70 1.20 -7.98 2.82
CA ASN B 70 0.50 -9.15 2.30
C ASN B 70 1.03 -10.48 2.88
N ILE B 71 2.34 -10.59 3.02
CA ILE B 71 2.91 -11.77 3.63
C ILE B 71 2.45 -11.87 5.09
N LEU B 72 2.35 -10.74 5.80
CA LEU B 72 1.78 -10.76 7.13
C LEU B 72 0.42 -11.47 7.11
N LEU B 73 -0.43 -11.06 6.17
CA LEU B 73 -1.77 -11.65 6.05
C LEU B 73 -1.72 -13.14 5.73
N TYR B 74 -0.82 -13.50 4.82
CA TYR B 74 -0.67 -14.89 4.41
C TYR B 74 -0.21 -15.77 5.57
N ILE B 75 0.80 -15.30 6.32
CA ILE B 75 1.31 -16.06 7.44
C ILE B 75 0.27 -16.23 8.53
N ALA B 76 -0.46 -15.16 8.83
CA ALA B 76 -1.53 -15.26 9.79
C ALA B 76 -2.59 -16.27 9.35
N ASP B 77 -3.04 -16.15 8.11
CA ASP B 77 -4.10 -17.05 7.63
C ASP B 77 -3.63 -18.49 7.68
N THR B 78 -2.37 -18.69 7.30
CA THR B 78 -1.85 -20.03 7.11
C THR B 78 -1.43 -20.69 8.43
N TYR B 79 -0.79 -19.94 9.32
CA TYR B 79 -0.15 -20.49 10.53
C TYR B 79 -0.72 -20.04 11.87
N ASP B 80 -1.48 -18.96 11.89
CA ASP B 80 -2.05 -18.50 13.15
C ASP B 80 -3.41 -19.18 13.34
N LYS B 81 -3.36 -20.46 13.69
CA LYS B 81 -4.59 -21.25 13.82
C LYS B 81 -5.51 -20.81 14.96
N GLU B 82 -4.95 -20.26 16.04
CA GLU B 82 -5.78 -19.75 17.14
C GLU B 82 -6.23 -18.30 16.94
N HIS B 83 -5.85 -17.71 15.80
CA HIS B 83 -6.09 -16.28 15.57
C HIS B 83 -5.59 -15.47 16.73
N LYS B 84 -4.36 -15.73 17.15
CA LYS B 84 -3.78 -14.93 18.23
C LYS B 84 -3.48 -13.48 17.77
N PHE B 85 -3.07 -13.35 16.51
CA PHE B 85 -2.52 -12.08 16.01
C PHE B 85 -3.32 -11.44 14.90
N PHE B 86 -4.52 -11.93 14.64
CA PHE B 86 -5.32 -11.30 13.60
C PHE B 86 -6.76 -11.66 13.76
N TYR B 87 -7.60 -10.93 13.02
CA TYR B 87 -9.03 -11.18 12.98
C TYR B 87 -9.44 -11.67 11.59
N SER B 88 -10.25 -12.72 11.53
CA SER B 88 -10.67 -13.22 10.24
C SER B 88 -12.01 -12.60 9.87
N LEU B 89 -12.35 -12.68 8.60
CA LEU B 89 -13.55 -12.04 8.08
C LEU B 89 -14.83 -12.59 8.76
N LYS B 90 -14.89 -13.90 8.95
CA LYS B 90 -16.06 -14.51 9.60
C LYS B 90 -16.02 -14.29 11.10
N GLN B 91 -14.82 -14.40 11.66
CA GLN B 91 -14.62 -14.16 13.07
C GLN B 91 -15.20 -12.80 13.50
N ASP B 92 -14.81 -11.74 12.80
CA ASP B 92 -15.26 -10.41 13.16
C ASP B 92 -15.02 -9.49 11.97
N PRO B 93 -16.04 -9.33 11.11
CA PRO B 93 -15.84 -8.62 9.86
C PRO B 93 -15.45 -7.16 10.07
N LYS B 94 -16.04 -6.51 11.07
CA LYS B 94 -15.68 -5.13 11.35
C LYS B 94 -14.17 -4.99 11.55
N LEU B 95 -13.65 -5.84 12.42
CA LEU B 95 -12.22 -5.78 12.76
C LEU B 95 -11.33 -6.22 11.61
N TYR B 96 -11.81 -7.18 10.82
CA TYR B 96 -11.08 -7.65 9.65
C TYR B 96 -10.86 -6.50 8.67
N TRP B 97 -11.91 -5.73 8.40
CA TRP B 97 -11.75 -4.56 7.50
C TRP B 97 -10.90 -3.45 8.10
N GLU B 98 -10.95 -3.26 9.41
CA GLU B 98 -10.07 -2.27 10.05
C GLU B 98 -8.61 -2.72 9.87
N GLN B 99 -8.37 -4.00 10.14
CA GLN B 99 -7.07 -4.60 9.99
C GLN B 99 -6.58 -4.44 8.55
N ASN B 100 -7.43 -4.75 7.59
CA ASN B 100 -7.00 -4.68 6.19
C ASN B 100 -6.65 -3.25 5.78
N GLU B 101 -7.51 -2.29 6.14
CA GLU B 101 -7.23 -0.92 5.73
C GLU B 101 -5.94 -0.43 6.39
N LEU B 102 -5.72 -0.76 7.66
CA LEU B 102 -4.47 -0.30 8.31
C LEU B 102 -3.21 -0.93 7.76
N LEU B 103 -3.30 -2.15 7.24
CA LEU B 103 -2.14 -2.77 6.59
C LEU B 103 -1.85 -2.05 5.26
N PHE B 104 -2.88 -1.68 4.52
CA PHE B 104 -2.66 -0.84 3.33
C PHE B 104 -2.09 0.51 3.71
N TYR B 105 -2.67 1.13 4.74
CA TYR B 105 -2.22 2.45 5.17
C TYR B 105 -0.73 2.41 5.62
N GLN B 106 -0.37 1.41 6.41
CA GLN B 106 1.02 1.33 6.90
C GLN B 106 2.00 1.20 5.77
N ALA B 107 1.64 0.39 4.79
CA ALA B 107 2.50 0.18 3.64
C ALA B 107 2.64 1.44 2.80
N THR B 108 1.53 2.12 2.50
CA THR B 108 1.54 3.26 1.55
C THR B 108 1.96 4.55 2.22
N GLN B 109 1.37 4.83 3.37
CA GLN B 109 1.60 6.12 3.99
C GLN B 109 2.77 6.15 4.97
N PHE B 110 3.12 5.02 5.58
CA PHE B 110 4.31 5.01 6.43
C PHE B 110 5.52 4.55 5.64
N GLN B 111 5.57 3.28 5.28
CA GLN B 111 6.81 2.76 4.70
C GLN B 111 7.11 3.45 3.35
N SER B 112 6.14 3.43 2.44
CA SER B 112 6.41 3.91 1.06
C SER B 112 6.69 5.41 0.99
N GLN B 113 5.89 6.20 1.67
CA GLN B 113 6.03 7.66 1.68
C GLN B 113 7.17 8.24 2.48
N THR B 114 7.75 7.50 3.39
CA THR B 114 8.77 8.04 4.23
C THR B 114 10.11 7.33 4.13
N LEU B 115 10.24 6.16 4.74
CA LEU B 115 11.48 5.43 4.73
C LEU B 115 11.94 5.01 3.33
N THR B 116 11.05 4.53 2.49
CA THR B 116 11.53 4.07 1.17
C THR B 116 12.01 5.24 0.33
N ILE B 117 11.27 6.34 0.36
CA ILE B 117 11.64 7.56 -0.38
C ILE B 117 12.96 8.10 0.13
N ALA B 118 13.09 8.21 1.45
CA ALA B 118 14.34 8.69 2.03
C ALA B 118 15.55 7.86 1.61
N ASN B 119 15.44 6.54 1.74
CA ASN B 119 16.56 5.66 1.40
C ASN B 119 16.91 5.70 -0.08
N ALA B 120 15.90 5.83 -0.93
CA ALA B 120 16.11 5.85 -2.37
C ALA B 120 16.85 7.10 -2.80
N ASN B 121 16.80 8.12 -1.94
CA ASN B 121 17.38 9.42 -2.27
C ASN B 121 18.52 9.83 -1.35
N TYR B 122 19.00 8.87 -0.57
CA TYR B 122 20.16 9.10 0.28
C TYR B 122 21.43 8.70 -0.45
N GLN B 123 22.41 9.60 -0.48
CA GLN B 123 23.70 9.25 -1.07
C GLN B 123 24.80 10.11 -0.46
N ASN B 124 25.92 9.48 -0.14
CA ASN B 124 27.07 10.21 0.36
C ASN B 124 26.70 11.17 1.48
N GLY B 125 26.03 10.65 2.49
CA GLY B 125 25.74 11.43 3.69
C GLY B 125 24.75 12.57 3.54
N HIS B 126 23.90 12.54 2.52
CA HIS B 126 22.95 13.62 2.30
C HIS B 126 21.68 13.16 1.62
N ILE B 127 20.56 13.78 2.01
CA ILE B 127 19.34 13.74 1.22
C ILE B 127 19.00 15.17 0.82
N ASP B 128 18.70 15.38 -0.44
CA ASP B 128 18.45 16.73 -0.94
C ASP B 128 17.31 17.37 -0.16
N GLU B 129 17.40 18.67 0.05
CA GLU B 129 16.46 19.41 0.90
C GLU B 129 15.02 19.20 0.43
N ASN B 130 14.80 19.17 -0.89
CA ASN B 130 13.43 19.08 -1.37
C ASN B 130 12.79 17.74 -0.99
N ILE B 131 13.54 16.66 -1.17
CA ILE B 131 13.05 15.33 -0.76
C ILE B 131 12.96 15.23 0.74
N ALA B 132 13.96 15.75 1.44
CA ALA B 132 13.96 15.71 2.90
C ALA B 132 12.72 16.34 3.52
N GLN B 133 12.30 17.50 3.02
CA GLN B 133 11.12 18.15 3.54
CA GLN B 133 11.11 18.14 3.56
C GLN B 133 9.85 17.38 3.15
N TYR B 134 9.88 16.75 1.98
CA TYR B 134 8.71 15.97 1.57
C TYR B 134 8.51 14.88 2.61
N VAL B 135 9.60 14.16 2.90
CA VAL B 135 9.58 13.07 3.87
C VAL B 135 9.21 13.53 5.28
N LEU B 136 9.75 14.66 5.68
CA LEU B 136 9.41 15.18 7.00
C LEU B 136 7.91 15.49 7.12
N SER B 137 7.34 16.13 6.10
CA SER B 137 5.91 16.43 6.10
CA SER B 137 5.91 16.43 6.12
C SER B 137 5.10 15.14 6.07
N SER B 138 5.60 14.14 5.36
CA SER B 138 4.91 12.83 5.33
C SER B 138 4.91 12.17 6.70
N PHE B 139 6.00 12.30 7.45
CA PHE B 139 6.04 11.74 8.80
C PHE B 139 5.07 12.50 9.69
N GLU B 140 5.06 13.81 9.55
CA GLU B 140 4.15 14.64 10.34
C GLU B 140 2.69 14.18 10.16
N LYS B 141 2.32 13.91 8.91
CA LYS B 141 0.97 13.44 8.60
C LYS B 141 0.69 12.07 9.18
N VAL B 142 1.63 11.14 8.99
CA VAL B 142 1.42 9.79 9.48
C VAL B 142 1.30 9.75 11.00
N PHE B 143 2.12 10.55 11.71
CA PHE B 143 2.07 10.55 13.15
C PHE B 143 0.79 11.19 13.67
N ALA B 144 0.31 12.23 13.00
CA ALA B 144 -0.97 12.86 13.39
C ALA B 144 -2.09 11.83 13.30
N PHE B 145 -2.06 11.05 12.22
CA PHE B 145 -3.06 10.02 12.00
C PHE B 145 -2.97 8.94 13.08
N MET B 146 -1.75 8.48 13.38
CA MET B 146 -1.58 7.40 14.33
C MET B 146 -2.01 7.88 15.72
N GLU B 147 -1.71 9.14 16.00
CA GLU B 147 -2.02 9.70 17.30
C GLU B 147 -3.53 9.68 17.51
N THR B 148 -4.26 10.05 16.47
CA THR B 148 -5.73 10.06 16.48
C THR B 148 -6.28 8.65 16.60
N LYS B 149 -5.76 7.72 15.79
CA LYS B 149 -6.22 6.34 15.80
C LYS B 149 -6.03 5.68 17.15
N LEU B 150 -4.95 6.05 17.84
CA LEU B 150 -4.56 5.40 19.07
C LEU B 150 -5.24 6.05 20.29
N SER B 151 -5.96 7.15 20.05
CA SER B 151 -6.65 7.84 21.14
C SER B 151 -7.60 6.90 21.87
N GLY B 152 -7.36 6.74 23.17
CA GLY B 152 -8.24 5.93 24.01
C GLY B 152 -8.08 4.43 23.87
N ARG B 153 -7.05 3.98 23.17
CA ARG B 153 -6.81 2.54 23.05
C ARG B 153 -5.36 2.14 23.27
N ASP B 154 -5.16 0.85 23.48
CA ASP B 154 -3.82 0.31 23.69
C ASP B 154 -3.21 -0.13 22.38
N TRP B 155 -4.06 -0.67 21.51
CA TRP B 155 -3.59 -1.28 20.25
C TRP B 155 -4.35 -0.73 19.06
N PHE B 156 -3.82 -0.97 17.85
CA PHE B 156 -4.45 -0.40 16.67
C PHE B 156 -5.82 -0.97 16.37
N VAL B 157 -5.98 -2.27 16.58
CA VAL B 157 -7.21 -2.97 16.21
C VAL B 157 -7.64 -3.88 17.34
N GLY B 158 -8.91 -3.77 17.73
CA GLY B 158 -9.43 -4.69 18.73
C GLY B 158 -8.78 -4.45 20.07
N ASP B 159 -8.62 -5.51 20.85
CA ASP B 159 -8.16 -5.34 22.23
C ASP B 159 -6.83 -6.03 22.51
N LYS B 160 -6.02 -6.23 21.47
CA LYS B 160 -4.78 -6.96 21.66
C LYS B 160 -3.79 -6.62 20.56
N PHE B 161 -2.54 -6.95 20.83
CA PHE B 161 -1.46 -6.87 19.85
C PHE B 161 -1.78 -7.74 18.62
N THR B 162 -1.72 -7.13 17.43
CA THR B 162 -1.99 -7.86 16.19
C THR B 162 -0.96 -7.58 15.08
N ILE B 163 -1.19 -8.21 13.94
CA ILE B 163 -0.35 -7.96 12.77
C ILE B 163 -0.30 -6.48 12.39
N VAL B 164 -1.33 -5.70 12.73
CA VAL B 164 -1.28 -4.27 12.43
C VAL B 164 -0.23 -3.59 13.33
N ASP B 165 -0.22 -3.96 14.60
CA ASP B 165 0.82 -3.47 15.49
C ASP B 165 2.20 -3.91 15.04
N ILE B 166 2.34 -5.14 14.54
CA ILE B 166 3.63 -5.58 14.00
C ILE B 166 4.03 -4.67 12.83
N ALA B 167 3.12 -4.43 11.89
CA ALA B 167 3.48 -3.62 10.72
C ALA B 167 3.96 -2.22 11.18
N PHE B 168 3.18 -1.54 11.97
CA PHE B 168 3.55 -0.23 12.43
C PHE B 168 4.82 -0.21 13.33
N LEU B 169 4.94 -1.15 14.25
CA LEU B 169 6.09 -1.17 15.13
C LEU B 169 7.43 -1.39 14.41
N VAL B 170 7.41 -2.28 13.43
CA VAL B 170 8.61 -2.50 12.67
C VAL B 170 9.05 -1.24 11.88
N GLY B 171 8.11 -0.56 11.23
CA GLY B 171 8.46 0.70 10.56
C GLY B 171 8.98 1.75 11.54
N GLU B 172 8.34 1.86 12.70
CA GLU B 172 8.73 2.89 13.66
C GLU B 172 10.09 2.57 14.30
N HIS B 173 10.31 1.29 14.59
CA HIS B 173 11.60 0.83 15.12
C HIS B 173 12.69 1.13 14.09
N ARG B 174 12.40 0.86 12.82
CA ARG B 174 13.37 1.16 11.75
C ARG B 174 13.70 2.66 11.67
N ARG B 175 12.68 3.49 11.77
CA ARG B 175 12.87 4.93 11.70
C ARG B 175 13.82 5.38 12.81
N ARG B 176 13.57 4.89 14.02
CA ARG B 176 14.44 5.22 15.18
C ARG B 176 15.88 4.68 15.02
N GLU B 177 15.98 3.51 14.41
CA GLU B 177 17.28 2.86 14.22
C GLU B 177 18.12 3.62 13.20
N ARG B 178 17.48 4.14 12.17
CA ARG B 178 18.21 4.66 11.01
C ARG B 178 18.25 6.17 10.87
N LEU B 179 17.26 6.88 11.44
CA LEU B 179 17.08 8.31 11.17
C LEU B 179 17.21 9.18 12.39
N HIS B 180 17.60 8.59 13.53
CA HIS B 180 17.74 9.38 14.76
C HIS B 180 18.75 10.50 14.59
N ASN B 181 19.80 10.24 13.82
CA ASN B 181 20.89 11.22 13.61
C ASN B 181 20.71 12.07 12.35
N SER B 182 19.51 12.03 11.77
CA SER B 182 19.23 12.73 10.51
C SER B 182 18.51 14.06 10.65
N PRO B 183 18.47 14.82 9.56
CA PRO B 183 17.73 16.07 9.52
C PRO B 183 16.23 15.83 9.40
N ILE B 184 15.81 14.56 9.35
CA ILE B 184 14.37 14.28 9.28
C ILE B 184 13.87 13.54 10.52
N TRP B 185 14.63 13.65 11.60
CA TRP B 185 14.22 13.06 12.88
C TRP B 185 13.10 13.86 13.52
N ILE B 186 12.16 13.12 14.09
CA ILE B 186 11.11 13.70 14.92
C ILE B 186 11.08 12.92 16.21
N ASP B 187 11.15 13.62 17.34
CA ASP B 187 11.00 12.96 18.62
C ASP B 187 9.52 12.91 18.98
N LEU B 188 8.98 11.70 19.19
CA LEU B 188 7.53 11.56 19.42
C LEU B 188 7.12 11.91 20.83
N LYS B 189 8.07 11.80 21.76
CA LYS B 189 7.71 11.98 23.17
C LYS B 189 6.90 13.24 23.38
N GLU B 190 7.34 14.31 22.71
CA GLU B 190 6.78 15.64 22.88
C GLU B 190 5.41 15.85 22.24
N ASN B 191 5.30 15.62 20.94
CA ASN B 191 4.06 15.98 20.23
C ASN B 191 3.10 14.84 19.93
N PHE B 192 3.55 13.60 20.09
CA PHE B 192 2.71 12.45 19.76
C PHE B 192 2.75 11.40 20.88
N PRO B 193 2.22 11.77 22.05
CA PRO B 193 2.33 10.92 23.23
C PRO B 193 1.60 9.58 23.12
N ASN B 194 0.47 9.55 22.43
CA ASN B 194 -0.21 8.28 22.22
C ASN B 194 0.65 7.31 21.41
N VAL B 195 1.29 7.83 20.36
CA VAL B 195 2.12 6.95 19.52
C VAL B 195 3.34 6.49 20.31
N GLU B 196 3.92 7.38 21.10
CA GLU B 196 5.07 6.95 21.92
C GLU B 196 4.68 5.84 22.90
N LYS B 197 3.56 6.01 23.58
CA LYS B 197 3.12 5.07 24.58
C LYS B 197 2.84 3.72 23.92
N TRP B 198 2.16 3.78 22.78
CA TRP B 198 1.89 2.58 22.03
C TRP B 198 3.18 1.92 21.53
N PHE B 199 4.14 2.68 21.03
CA PHE B 199 5.37 2.08 20.56
C PHE B 199 6.07 1.31 21.69
N GLN B 200 6.14 1.92 22.85
CA GLN B 200 6.83 1.28 23.96
C GLN B 200 6.15 -0.03 24.36
N ARG B 201 4.83 -0.05 24.34
CA ARG B 201 4.14 -1.28 24.71
C ARG B 201 4.26 -2.33 23.61
N ALA B 202 4.31 -1.88 22.36
CA ALA B 202 4.45 -2.84 21.27
C ALA B 202 5.84 -3.50 21.19
N ILE B 203 6.88 -2.69 21.36
CA ILE B 203 8.25 -3.17 21.32
C ILE B 203 8.53 -4.11 22.52
N ALA B 204 7.78 -3.90 23.60
CA ALA B 204 7.90 -4.71 24.82
C ALA B 204 7.12 -6.03 24.77
N PHE B 205 6.34 -6.25 23.71
CA PHE B 205 5.53 -7.46 23.59
C PHE B 205 6.41 -8.69 23.41
N GLU B 206 6.22 -9.68 24.30
CA GLU B 206 6.97 -10.95 24.21
C GLU B 206 8.42 -10.74 23.80
N ASN B 207 8.87 -11.43 22.76
CA ASN B 207 10.28 -11.31 22.36
C ASN B 207 10.50 -10.48 21.09
N VAL B 208 9.56 -9.57 20.82
CA VAL B 208 9.65 -8.68 19.64
C VAL B 208 10.98 -7.93 19.61
N GLU B 209 11.35 -7.32 20.73
CA GLU B 209 12.57 -6.51 20.74
C GLU B 209 13.81 -7.35 20.50
N GLU B 210 13.89 -8.49 21.18
CA GLU B 210 14.99 -9.44 20.98
C GLU B 210 15.12 -9.83 19.52
N ILE B 211 14.00 -10.12 18.86
CA ILE B 211 14.03 -10.52 17.46
C ILE B 211 14.62 -9.41 16.58
N LEU B 212 14.21 -8.18 16.84
CA LEU B 212 14.63 -7.04 16.03
C LEU B 212 16.11 -6.73 16.26
N LYS B 213 16.59 -6.98 17.48
CA LYS B 213 18.01 -6.74 17.83
C LYS B 213 18.98 -7.71 17.15
N GLU B 214 18.49 -8.82 16.64
CA GLU B 214 19.40 -9.86 16.09
C GLU B 214 20.30 -9.37 14.95
N HIS B 215 19.79 -8.40 14.20
CA HIS B 215 20.55 -7.80 13.10
C HIS B 215 20.41 -6.29 13.16
N ALA B 216 20.77 -5.74 14.32
CA ALA B 216 20.71 -4.30 14.54
C ALA B 216 21.62 -3.52 13.60
N ALA B 217 21.15 -2.36 13.17
CA ALA B 217 21.89 -1.54 12.22
C ALA B 217 22.23 -0.23 12.89
N GLU B 218 23.18 0.49 12.32
CA GLU B 218 23.56 1.79 12.85
C GLU B 218 22.74 2.88 12.18
N ASN B 219 22.71 4.07 12.77
CA ASN B 219 22.11 5.20 12.08
C ASN B 219 22.78 5.52 10.75
N LEU B 220 21.99 5.96 9.77
CA LEU B 220 22.54 6.55 8.55
C LEU B 220 23.40 7.77 8.90
N TYR B 221 24.56 7.89 8.26
CA TYR B 221 25.43 9.06 8.45
C TYR B 221 24.94 10.29 7.67
N PHE B 222 24.91 11.45 8.33
CA PHE B 222 24.60 12.69 7.64
C PHE B 222 25.64 13.76 7.97
N GLN B 223 26.16 14.38 6.92
CA GLN B 223 27.10 15.50 7.08
C GLN B 223 26.38 16.74 7.57
#